data_4IVK
#
_entry.id   4IVK
#
_cell.length_a   149.102
_cell.length_b   149.102
_cell.length_c   172.571
_cell.angle_alpha   90.00
_cell.angle_beta   90.00
_cell.angle_gamma   90.00
#
_symmetry.space_group_name_H-M   'I 4 2 2'
#
loop_
_entity.id
_entity.type
_entity.pdbx_description
1 polymer Carboxylesterases
2 non-polymer 'CEPHALOTHIN GROUP'
3 non-polymer 'SULFATE ION'
4 water water
#
_entity_poly.entity_id   1
_entity_poly.type   'polypeptide(L)'
_entity_poly.pdbx_seq_one_letter_code
;MKTSAKFLSFAVSFVLLIIASTSFAEGPVTATKPKEAGFTSEGLARIDAYLKNEIQAKTMPGAVMMIKRNGETAYFSSFG
LRDPDTKEPMTAETIFRIYSMSKPITTVAAMMLVEEGKLQLDEPVSKYIPSFANVKVGVETKGENGMALETGPVKRAITI
QDLMRHTSGITYGFVGDGLVKKAYIASNLFDGDFDNAEFAERIAKLPLVYQPGTTWDYGHSTDILGRVVEVVSGKSLYQF
EKERLLDPLGMKDTGFYVTDPAKKSLVAEAMPNDRKIGGSEMFDPRVQKKWEPGGQGMVSTIGDYARFTQMVLNGGTLDG
KRYLSPKTIAYMGSNHIPQASGIVPGAYYLPGPGVGFGLGFAVRTEAGVTPVEGSVGDLSWGGAGGTVFWIDPKENLTVV
FMAPMVSPRARVWRTLRNIVYGAFDRLEHHHHHH
;
_entity_poly.pdbx_strand_id   A
#
# COMPACT_ATOMS: atom_id res chain seq x y z
N ALA A 25 -22.75 5.20 -13.98
CA ALA A 25 -23.91 4.36 -13.55
C ALA A 25 -23.65 2.87 -13.78
N GLU A 26 -24.39 2.04 -13.03
CA GLU A 26 -24.38 0.57 -13.14
C GLU A 26 -24.96 -0.02 -11.85
N GLY A 27 -24.37 0.33 -10.71
CA GLY A 27 -25.00 0.14 -9.39
C GLY A 27 -24.56 -1.04 -8.53
N PRO A 28 -25.46 -1.47 -7.61
CA PRO A 28 -25.16 -2.54 -6.65
C PRO A 28 -24.68 -3.85 -7.28
N VAL A 29 -23.66 -4.45 -6.67
CA VAL A 29 -23.10 -5.73 -7.12
C VAL A 29 -23.78 -6.90 -6.40
N THR A 30 -24.11 -6.70 -5.12
CA THR A 30 -24.77 -7.72 -4.32
C THR A 30 -25.85 -7.10 -3.43
N ALA A 31 -26.57 -7.95 -2.69
CA ALA A 31 -27.50 -7.47 -1.67
C ALA A 31 -26.72 -6.80 -0.55
N THR A 32 -27.30 -5.77 0.06
CA THR A 32 -26.64 -5.04 1.15
C THR A 32 -27.54 -4.92 2.37
N LYS A 33 -26.94 -4.70 3.52
CA LYS A 33 -27.64 -4.51 4.78
C LYS A 33 -27.15 -3.24 5.46
N PRO A 34 -27.49 -2.07 4.90
CA PRO A 34 -26.96 -0.79 5.40
C PRO A 34 -27.38 -0.44 6.82
N LYS A 35 -28.63 -0.73 7.20
CA LYS A 35 -29.10 -0.36 8.54
C LYS A 35 -28.43 -1.19 9.63
N GLU A 36 -28.29 -2.50 9.42
CA GLU A 36 -27.56 -3.36 10.37
C GLU A 36 -26.07 -3.01 10.43
N ALA A 37 -25.57 -2.43 9.34
CA ALA A 37 -24.20 -1.93 9.29
C ALA A 37 -24.06 -0.53 9.91
N GLY A 38 -25.18 0.06 10.36
CA GLY A 38 -25.16 1.36 11.03
C GLY A 38 -25.05 2.58 10.13
N PHE A 39 -25.53 2.46 8.89
CA PHE A 39 -25.58 3.58 7.95
C PHE A 39 -27.02 3.97 7.65
N THR A 40 -27.19 5.16 7.07
CA THR A 40 -28.47 5.55 6.48
C THR A 40 -28.44 5.30 4.97
N SER A 41 -29.62 5.08 4.38
CA SER A 41 -29.73 4.92 2.94
C SER A 41 -29.40 6.22 2.22
N GLU A 42 -29.90 7.32 2.78
CA GLU A 42 -29.63 8.66 2.24
C GLU A 42 -28.13 8.92 2.21
N GLY A 43 -27.44 8.56 3.30
CA GLY A 43 -26.00 8.76 3.39
C GLY A 43 -25.24 8.02 2.31
N LEU A 44 -25.53 6.73 2.16
CA LEU A 44 -24.82 5.91 1.18
C LEU A 44 -25.13 6.33 -0.25
N ALA A 45 -26.34 6.86 -0.48
CA ALA A 45 -26.70 7.41 -1.79
C ALA A 45 -25.77 8.57 -2.20
N ARG A 46 -25.17 9.25 -1.22
CA ARG A 46 -24.20 10.31 -1.51
C ARG A 46 -22.96 9.77 -2.23
N ILE A 47 -22.60 8.52 -1.95
CA ILE A 47 -21.48 7.88 -2.64
C ILE A 47 -21.80 7.74 -4.13
N ASP A 48 -22.98 7.21 -4.43
CA ASP A 48 -23.42 7.04 -5.82
C ASP A 48 -23.33 8.35 -6.59
N ALA A 49 -23.88 9.41 -6.00
CA ALA A 49 -23.94 10.72 -6.65
C ALA A 49 -22.54 11.30 -6.86
N TYR A 50 -21.69 11.16 -5.86
CA TYR A 50 -20.32 11.66 -5.95
C TYR A 50 -19.55 10.95 -7.07
N LEU A 51 -19.59 9.62 -7.06
CA LEU A 51 -18.84 8.83 -8.03
C LEU A 51 -19.37 9.02 -9.44
N LYS A 52 -20.69 9.09 -9.61
CA LYS A 52 -21.25 9.37 -10.94
C LYS A 52 -20.80 10.73 -11.45
N ASN A 53 -20.76 11.74 -10.57
CA ASN A 53 -20.29 13.07 -10.97
C ASN A 53 -18.83 13.08 -11.37
N GLU A 54 -17.99 12.37 -10.63
CA GLU A 54 -16.56 12.28 -10.92
C GLU A 54 -16.31 11.55 -12.24
N ILE A 55 -17.09 10.50 -12.51
CA ILE A 55 -17.00 9.81 -13.80
C ILE A 55 -17.40 10.75 -14.94
N GLN A 56 -18.49 11.49 -14.76
CA GLN A 56 -18.93 12.51 -15.73
C GLN A 56 -17.85 13.58 -15.97
N ALA A 57 -17.13 13.93 -14.91
CA ALA A 57 -16.05 14.92 -14.99
C ALA A 57 -14.74 14.36 -15.55
N LYS A 58 -14.72 13.05 -15.85
CA LYS A 58 -13.55 12.35 -16.39
C LYS A 58 -12.36 12.27 -15.41
N THR A 59 -12.69 12.26 -14.12
CA THR A 59 -11.71 12.00 -13.05
C THR A 59 -11.23 10.55 -13.13
N MET A 60 -12.15 9.66 -13.50
CA MET A 60 -11.83 8.26 -13.71
C MET A 60 -12.85 7.69 -14.69
N PRO A 61 -12.52 6.57 -15.35
CA PRO A 61 -13.48 5.97 -16.29
C PRO A 61 -14.61 5.22 -15.58
N GLY A 62 -14.34 4.75 -14.37
CA GLY A 62 -15.29 3.99 -13.58
C GLY A 62 -14.69 3.69 -12.22
N ALA A 63 -15.48 3.06 -11.36
CA ALA A 63 -15.05 2.81 -9.99
C ALA A 63 -15.84 1.67 -9.37
N VAL A 64 -15.19 0.97 -8.44
CA VAL A 64 -15.85 -0.04 -7.64
C VAL A 64 -15.49 0.20 -6.17
N MET A 65 -16.47 0.00 -5.29
CA MET A 65 -16.30 0.29 -3.87
C MET A 65 -17.10 -0.69 -3.02
N MET A 66 -16.48 -1.12 -1.92
CA MET A 66 -17.11 -2.01 -0.96
C MET A 66 -16.94 -1.47 0.46
N ILE A 67 -18.03 -1.49 1.22
CA ILE A 67 -18.03 -1.12 2.64
C ILE A 67 -18.56 -2.31 3.45
N LYS A 68 -17.74 -2.75 4.40
CA LYS A 68 -18.13 -3.80 5.35
C LYS A 68 -18.16 -3.21 6.77
N ARG A 69 -19.26 -3.40 7.49
CA ARG A 69 -19.34 -2.97 8.89
C ARG A 69 -20.23 -3.88 9.70
N ASN A 70 -19.82 -4.15 10.94
CA ASN A 70 -20.57 -5.05 11.84
C ASN A 70 -20.81 -6.42 11.22
N GLY A 71 -19.84 -6.89 10.43
CA GLY A 71 -19.93 -8.19 9.79
C GLY A 71 -20.87 -8.28 8.59
N GLU A 72 -21.32 -7.12 8.09
CA GLU A 72 -22.27 -7.07 6.98
C GLU A 72 -21.72 -6.22 5.84
N THR A 73 -22.11 -6.56 4.60
CA THR A 73 -21.85 -5.70 3.46
C THR A 73 -22.85 -4.55 3.45
N ALA A 74 -22.37 -3.34 3.73
CA ALA A 74 -23.20 -2.16 3.76
C ALA A 74 -23.40 -1.56 2.38
N TYR A 75 -22.41 -1.77 1.50
CA TYR A 75 -22.35 -1.11 0.21
C TYR A 75 -21.38 -1.88 -0.67
N PHE A 76 -21.79 -2.15 -1.91
CA PHE A 76 -20.92 -2.81 -2.88
C PHE A 76 -21.47 -2.49 -4.28
N SER A 77 -20.87 -1.47 -4.89
CA SER A 77 -21.35 -0.96 -6.17
C SER A 77 -20.23 -0.72 -7.16
N SER A 78 -20.60 -0.83 -8.43
CA SER A 78 -19.72 -0.67 -9.57
C SER A 78 -20.34 0.40 -10.48
N PHE A 79 -19.52 1.31 -10.99
CA PHE A 79 -19.99 2.37 -11.89
C PHE A 79 -19.04 2.52 -13.06
N GLY A 80 -19.61 2.80 -14.24
CA GLY A 80 -18.82 3.20 -15.39
C GLY A 80 -18.02 2.08 -16.06
N LEU A 81 -16.86 2.46 -16.57
CA LEU A 81 -16.02 1.61 -17.40
C LEU A 81 -14.71 1.29 -16.72
N ARG A 82 -14.12 0.14 -17.05
CA ARG A 82 -12.78 -0.21 -16.54
C ARG A 82 -11.67 0.27 -17.45
N ASP A 83 -12.02 0.67 -18.67
CA ASP A 83 -11.06 1.12 -19.66
C ASP A 83 -11.81 2.02 -20.64
N PRO A 84 -11.41 3.30 -20.71
CA PRO A 84 -12.14 4.26 -21.54
C PRO A 84 -11.92 4.08 -23.05
N ASP A 85 -10.86 3.35 -23.44
CA ASP A 85 -10.60 3.09 -24.86
C ASP A 85 -11.42 1.90 -25.36
N THR A 86 -11.37 0.79 -24.64
CA THR A 86 -12.13 -0.42 -25.02
C THR A 86 -13.61 -0.29 -24.67
N LYS A 87 -13.90 0.58 -23.68
CA LYS A 87 -15.26 0.78 -23.17
C LYS A 87 -15.85 -0.48 -22.55
N GLU A 88 -14.98 -1.36 -22.05
CA GLU A 88 -15.39 -2.51 -21.29
C GLU A 88 -15.88 -2.01 -19.92
N PRO A 89 -16.94 -2.64 -19.38
CA PRO A 89 -17.57 -2.15 -18.15
C PRO A 89 -16.73 -2.38 -16.90
N MET A 90 -16.91 -1.52 -15.90
CA MET A 90 -16.31 -1.72 -14.59
C MET A 90 -17.10 -2.81 -13.88
N THR A 91 -16.40 -3.83 -13.39
CA THR A 91 -17.03 -4.95 -12.71
C THR A 91 -16.30 -5.30 -11.43
N ALA A 92 -16.95 -6.09 -10.57
CA ALA A 92 -16.31 -6.58 -9.35
C ALA A 92 -15.06 -7.40 -9.64
N GLU A 93 -15.01 -8.04 -10.81
CA GLU A 93 -13.91 -8.92 -11.19
C GLU A 93 -12.76 -8.16 -11.87
N THR A 94 -12.92 -6.85 -12.06
CA THR A 94 -11.92 -6.03 -12.71
C THR A 94 -10.62 -6.07 -11.89
N ILE A 95 -9.49 -6.18 -12.59
CA ILE A 95 -8.20 -6.34 -11.94
C ILE A 95 -7.46 -5.00 -11.97
N PHE A 96 -6.94 -4.58 -10.82
CA PHE A 96 -6.28 -3.30 -10.69
C PHE A 96 -4.81 -3.48 -10.34
N ARG A 97 -3.96 -2.63 -10.89
CA ARG A 97 -2.62 -2.44 -10.35
C ARG A 97 -2.81 -1.74 -9.01
N ILE A 98 -2.38 -2.36 -7.92
CA ILE A 98 -2.62 -1.80 -6.59
C ILE A 98 -1.40 -1.08 -6.02
N TYR A 99 -0.29 -1.11 -6.76
CA TYR A 99 0.91 -0.37 -6.38
C TYR A 99 1.23 -0.48 -4.89
N SER A 100 1.25 0.64 -4.15
CA SER A 100 1.69 0.61 -2.74
C SER A 100 0.76 -0.17 -1.80
N MET A 101 -0.45 -0.54 -2.25
CA MET A 101 -1.26 -1.48 -1.46
C MET A 101 -0.67 -2.89 -1.45
N SER A 102 0.40 -3.11 -2.22
CA SER A 102 1.23 -4.29 -2.07
C SER A 102 1.89 -4.37 -0.68
N LYS A 103 2.18 -3.21 -0.09
CA LYS A 103 3.02 -3.16 1.11
C LYS A 103 2.42 -3.87 2.34
N PRO A 104 1.12 -3.67 2.63
CA PRO A 104 0.56 -4.41 3.77
C PRO A 104 0.61 -5.92 3.59
N ILE A 105 0.46 -6.39 2.35
CA ILE A 105 0.53 -7.81 2.05
C ILE A 105 1.95 -8.33 2.31
N THR A 106 2.96 -7.62 1.79
CA THR A 106 4.35 -7.99 2.01
C THR A 106 4.69 -8.03 3.50
N THR A 107 4.18 -7.06 4.25
CA THR A 107 4.50 -6.93 5.67
C THR A 107 3.83 -8.06 6.46
N VAL A 108 2.59 -8.39 6.13
CA VAL A 108 1.92 -9.54 6.75
C VAL A 108 2.71 -10.82 6.49
N ALA A 109 3.19 -11.01 5.27
CA ALA A 109 4.00 -12.17 4.93
C ALA A 109 5.23 -12.25 5.83
N ALA A 110 5.93 -11.13 5.97
CA ALA A 110 7.10 -11.07 6.85
C ALA A 110 6.75 -11.38 8.30
N MET A 111 5.60 -10.88 8.78
CA MET A 111 5.21 -11.11 10.17
C MET A 111 4.85 -12.57 10.44
N MET A 112 4.41 -13.31 9.41
CA MET A 112 4.22 -14.75 9.56
C MET A 112 5.53 -15.45 9.90
N LEU A 113 6.63 -15.01 9.28
CA LEU A 113 7.96 -15.54 9.59
C LEU A 113 8.40 -15.12 11.00
N VAL A 114 8.05 -13.90 11.40
CA VAL A 114 8.32 -13.43 12.76
C VAL A 114 7.62 -14.33 13.80
N GLU A 115 6.35 -14.65 13.57
CA GLU A 115 5.62 -15.54 14.48
C GLU A 115 6.23 -16.94 14.58
N GLU A 116 6.90 -17.39 13.53
CA GLU A 116 7.54 -18.71 13.53
C GLU A 116 8.96 -18.68 14.10
N GLY A 117 9.45 -17.49 14.46
CA GLY A 117 10.80 -17.33 14.96
C GLY A 117 11.88 -17.49 13.90
N LYS A 118 11.50 -17.25 12.64
CA LYS A 118 12.43 -17.32 11.50
C LYS A 118 12.97 -15.95 11.09
N LEU A 119 12.44 -14.90 11.71
CA LEU A 119 12.80 -13.52 11.42
C LEU A 119 12.54 -12.70 12.67
N GLN A 120 13.36 -11.69 12.94
CA GLN A 120 13.17 -10.78 14.09
C GLN A 120 13.16 -9.33 13.64
N LEU A 121 12.43 -8.48 14.36
CA LEU A 121 12.37 -7.05 14.02
C LEU A 121 13.67 -6.28 14.28
N ASP A 122 14.43 -6.65 15.31
CA ASP A 122 15.65 -5.90 15.65
C ASP A 122 16.89 -6.34 14.85
N GLU A 123 16.76 -7.43 14.10
CA GLU A 123 17.85 -7.93 13.28
C GLU A 123 18.27 -6.96 12.20
N PRO A 124 19.55 -6.98 11.85
CA PRO A 124 20.01 -6.17 10.74
C PRO A 124 19.61 -6.80 9.41
N VAL A 125 19.20 -5.96 8.46
CA VAL A 125 18.91 -6.39 7.10
C VAL A 125 20.13 -7.11 6.52
N SER A 126 21.33 -6.64 6.87
CA SER A 126 22.58 -7.21 6.40
C SER A 126 22.78 -8.69 6.73
N LYS A 127 22.05 -9.20 7.73
CA LYS A 127 22.08 -10.63 8.04
C LYS A 127 21.60 -11.44 6.84
N TYR A 128 20.60 -10.90 6.14
CA TYR A 128 19.96 -11.58 5.03
C TYR A 128 20.46 -11.10 3.66
N ILE A 129 20.86 -9.82 3.59
CA ILE A 129 21.34 -9.20 2.37
C ILE A 129 22.61 -8.42 2.73
N PRO A 130 23.78 -9.12 2.75
CA PRO A 130 25.04 -8.57 3.25
C PRO A 130 25.49 -7.24 2.66
N SER A 131 25.09 -6.94 1.42
CA SER A 131 25.44 -5.68 0.79
C SER A 131 24.95 -4.44 1.55
N PHE A 132 23.94 -4.60 2.41
CA PHE A 132 23.48 -3.48 3.25
C PHE A 132 24.35 -3.21 4.48
N ALA A 133 25.37 -4.03 4.72
CA ALA A 133 26.24 -3.83 5.87
C ALA A 133 27.04 -2.53 5.76
N ASN A 134 27.53 -2.22 4.57
CA ASN A 134 28.40 -1.06 4.37
C ASN A 134 27.77 0.07 3.54
N VAL A 135 26.45 0.22 3.63
CA VAL A 135 25.80 1.37 3.01
C VAL A 135 26.23 2.65 3.71
N LYS A 136 26.25 3.75 2.97
CA LYS A 136 26.62 5.04 3.51
C LYS A 136 25.43 5.99 3.46
N VAL A 137 25.49 7.05 4.27
CA VAL A 137 24.46 8.07 4.35
C VAL A 137 24.95 9.34 3.66
N GLY A 138 24.15 9.86 2.74
CA GLY A 138 24.49 11.10 2.03
C GLY A 138 23.93 12.33 2.74
N VAL A 139 24.77 13.36 2.86
CA VAL A 139 24.35 14.64 3.43
C VAL A 139 24.69 15.74 2.42
N GLU A 140 23.75 16.66 2.20
CA GLU A 140 23.96 17.74 1.26
C GLU A 140 24.82 18.84 1.89
N THR A 141 25.81 19.31 1.13
CA THR A 141 26.69 20.38 1.60
C THR A 141 27.21 21.19 0.41
N LYS A 142 27.63 22.43 0.66
CA LYS A 142 28.11 23.30 -0.40
C LYS A 142 29.50 22.88 -0.87
N GLY A 143 29.66 22.74 -2.19
CA GLY A 143 30.96 22.52 -2.82
C GLY A 143 31.31 23.74 -3.66
N GLU A 144 32.30 23.59 -4.54
CA GLU A 144 32.73 24.67 -5.42
C GLU A 144 31.67 25.08 -6.44
N ASN A 145 30.81 24.14 -6.82
CA ASN A 145 29.84 24.33 -7.91
C ASN A 145 28.39 24.09 -7.46
N GLY A 146 28.05 24.60 -6.29
CA GLY A 146 26.72 24.39 -5.71
C GLY A 146 26.68 23.18 -4.79
N MET A 147 25.48 22.75 -4.43
CA MET A 147 25.33 21.65 -3.47
C MET A 147 25.86 20.33 -4.03
N ALA A 148 26.45 19.55 -3.14
CA ALA A 148 26.94 18.21 -3.47
C ALA A 148 26.76 17.31 -2.25
N LEU A 149 27.04 16.03 -2.42
CA LEU A 149 26.89 15.06 -1.33
C LEU A 149 28.20 14.76 -0.63
N GLU A 150 28.19 14.89 0.69
CA GLU A 150 29.20 14.27 1.53
C GLU A 150 28.60 12.93 1.96
N THR A 151 29.44 11.92 2.14
CA THR A 151 28.96 10.62 2.59
C THR A 151 29.73 10.15 3.80
N GLY A 152 29.03 9.40 4.65
CA GLY A 152 29.62 8.86 5.86
C GLY A 152 28.95 7.56 6.28
N PRO A 153 29.49 6.94 7.35
CA PRO A 153 29.02 5.65 7.81
C PRO A 153 27.66 5.74 8.48
N VAL A 154 26.95 4.61 8.52
CA VAL A 154 25.75 4.52 9.35
C VAL A 154 26.18 4.44 10.81
N LYS A 155 25.41 5.06 11.70
CA LYS A 155 25.64 4.95 13.14
C LYS A 155 25.06 3.66 13.68
N ARG A 156 23.99 3.19 13.03
CA ARG A 156 23.33 1.93 13.38
C ARG A 156 22.95 1.19 12.10
N ALA A 157 22.99 -0.14 12.17
CA ALA A 157 22.56 -0.96 11.04
C ALA A 157 21.06 -0.80 10.80
N ILE A 158 20.66 -0.87 9.53
CA ILE A 158 19.24 -0.88 9.17
C ILE A 158 18.63 -2.16 9.73
N THR A 159 17.51 -2.05 10.45
CA THR A 159 16.84 -3.23 11.01
C THR A 159 15.63 -3.62 10.16
N ILE A 160 15.13 -4.82 10.43
CA ILE A 160 13.89 -5.30 9.81
C ILE A 160 12.73 -4.35 10.16
N GLN A 161 12.62 -3.95 11.42
CA GLN A 161 11.59 -2.98 11.82
C GLN A 161 11.71 -1.69 11.01
N ASP A 162 12.94 -1.21 10.81
CA ASP A 162 13.18 -0.01 10.02
C ASP A 162 12.57 -0.14 8.63
N LEU A 163 12.74 -1.31 8.00
CA LEU A 163 12.11 -1.54 6.70
C LEU A 163 10.60 -1.42 6.79
N MET A 164 10.03 -2.07 7.80
CA MET A 164 8.58 -2.16 7.95
C MET A 164 7.87 -0.83 8.22
N ARG A 165 8.56 0.11 8.87
CA ARG A 165 7.97 1.42 9.19
C ARG A 165 8.63 2.58 8.44
N HIS A 166 9.46 2.27 7.43
CA HIS A 166 10.11 3.28 6.60
C HIS A 166 11.01 4.25 7.38
N THR A 167 11.84 3.68 8.25
CA THR A 167 12.90 4.45 8.93
C THR A 167 14.27 3.82 8.68
N SER A 168 14.54 3.51 7.41
CA SER A 168 15.76 2.79 7.02
C SER A 168 16.79 3.66 6.32
N GLY A 169 16.38 4.84 5.86
CA GLY A 169 17.20 5.68 5.00
C GLY A 169 17.03 5.39 3.52
N ILE A 170 16.29 4.32 3.19
CA ILE A 170 15.99 3.96 1.80
C ILE A 170 14.78 4.77 1.37
N THR A 171 14.87 5.37 0.18
CA THR A 171 13.88 6.35 -0.27
C THR A 171 13.26 5.95 -1.63
N TYR A 172 12.49 6.87 -2.20
CA TYR A 172 12.03 6.79 -3.58
C TYR A 172 12.64 7.96 -4.33
N GLY A 173 13.21 7.68 -5.50
CA GLY A 173 13.83 8.72 -6.33
C GLY A 173 12.87 9.78 -6.83
N PHE A 174 11.62 9.37 -7.09
CA PHE A 174 10.64 10.22 -7.77
C PHE A 174 9.71 10.99 -6.81
N VAL A 175 9.80 10.72 -5.51
CA VAL A 175 9.02 11.44 -4.50
C VAL A 175 9.82 12.65 -4.04
N GLY A 176 9.31 13.85 -4.28
CA GLY A 176 9.97 15.08 -3.84
C GLY A 176 11.26 15.31 -4.60
N ASP A 177 12.24 15.91 -3.92
CA ASP A 177 13.52 16.25 -4.55
C ASP A 177 14.65 16.22 -3.51
N GLY A 178 15.88 16.20 -4.00
CA GLY A 178 17.06 16.12 -3.15
C GLY A 178 18.18 15.42 -3.90
N LEU A 179 19.42 15.58 -3.43
CA LEU A 179 20.58 15.03 -4.13
C LEU A 179 20.62 13.49 -4.12
N VAL A 180 20.29 12.88 -2.99
CA VAL A 180 20.25 11.41 -2.92
C VAL A 180 19.17 10.90 -3.87
N LYS A 181 18.01 11.56 -3.84
CA LYS A 181 16.93 11.21 -4.77
C LYS A 181 17.35 11.34 -6.24
N LYS A 182 18.10 12.39 -6.57
CA LYS A 182 18.65 12.53 -7.92
C LYS A 182 19.59 11.38 -8.27
N ALA A 183 20.37 10.91 -7.29
CA ALA A 183 21.27 9.77 -7.51
C ALA A 183 20.47 8.49 -7.79
N TYR A 184 19.35 8.29 -7.10
CA TYR A 184 18.45 7.17 -7.38
C TYR A 184 18.01 7.20 -8.85
N ILE A 185 17.51 8.35 -9.30
CA ILE A 185 17.02 8.50 -10.68
C ILE A 185 18.14 8.22 -11.67
N ALA A 186 19.32 8.78 -11.41
CA ALA A 186 20.47 8.62 -12.30
C ALA A 186 20.96 7.17 -12.41
N SER A 187 20.68 6.35 -11.41
CA SER A 187 21.13 4.95 -11.41
C SER A 187 20.23 4.03 -12.25
N ASN A 188 19.13 4.55 -12.78
CA ASN A 188 18.23 3.79 -13.64
C ASN A 188 17.85 2.44 -13.02
N LEU A 189 17.19 2.51 -11.86
CA LEU A 189 16.90 1.34 -11.04
C LEU A 189 15.98 0.31 -11.68
N PHE A 190 15.17 0.74 -12.65
CA PHE A 190 14.13 -0.11 -13.21
C PHE A 190 14.43 -0.62 -14.62
N ASP A 191 15.64 -0.39 -15.10
CA ASP A 191 16.05 -0.89 -16.43
C ASP A 191 16.25 -2.41 -16.42
N GLY A 192 15.85 -3.05 -17.51
CA GLY A 192 16.09 -4.47 -17.71
C GLY A 192 15.02 -5.38 -17.12
N ASP A 193 15.33 -6.66 -17.08
CA ASP A 193 14.41 -7.68 -16.56
C ASP A 193 15.14 -8.41 -15.43
N PHE A 194 14.87 -7.98 -14.21
CA PHE A 194 15.66 -8.39 -13.04
C PHE A 194 14.73 -8.90 -11.96
N ASP A 195 15.31 -9.58 -10.96
CA ASP A 195 14.53 -10.11 -9.86
C ASP A 195 14.74 -9.30 -8.57
N ASN A 196 14.05 -9.72 -7.50
CA ASN A 196 14.14 -9.05 -6.21
C ASN A 196 15.55 -9.05 -5.62
N ALA A 197 16.31 -10.12 -5.89
CA ALA A 197 17.71 -10.19 -5.45
C ALA A 197 18.55 -9.11 -6.13
N GLU A 198 18.43 -8.99 -7.45
CA GLU A 198 19.18 -7.98 -8.20
C GLU A 198 18.74 -6.58 -7.80
N PHE A 199 17.45 -6.35 -7.62
CA PHE A 199 16.98 -5.02 -7.21
C PHE A 199 17.57 -4.59 -5.86
N ALA A 200 17.64 -5.53 -4.93
CA ALA A 200 18.24 -5.23 -3.61
C ALA A 200 19.69 -4.78 -3.76
N GLU A 201 20.45 -5.43 -4.64
CA GLU A 201 21.82 -5.03 -4.90
C GLU A 201 21.90 -3.63 -5.51
N ARG A 202 20.96 -3.30 -6.39
CA ARG A 202 20.91 -1.96 -6.97
C ARG A 202 20.68 -0.90 -5.89
N ILE A 203 19.75 -1.17 -4.99
CA ILE A 203 19.46 -0.23 -3.90
C ILE A 203 20.66 -0.07 -2.96
N ALA A 204 21.32 -1.17 -2.65
CA ALA A 204 22.45 -1.15 -1.70
C ALA A 204 23.66 -0.33 -2.20
N LYS A 205 23.74 -0.09 -3.50
CA LYS A 205 24.81 0.74 -4.06
C LYS A 205 24.62 2.24 -3.85
N LEU A 206 23.39 2.64 -3.50
CA LEU A 206 23.04 4.06 -3.38
C LEU A 206 23.27 4.58 -1.97
N PRO A 207 23.50 5.90 -1.83
CA PRO A 207 23.53 6.47 -0.49
C PRO A 207 22.14 6.51 0.14
N LEU A 208 22.08 6.43 1.46
CA LEU A 208 20.84 6.60 2.22
C LEU A 208 20.54 8.08 2.38
N VAL A 209 19.26 8.42 2.47
CA VAL A 209 18.85 9.82 2.62
C VAL A 209 18.94 10.29 4.08
N TYR A 210 18.82 9.35 5.02
CA TYR A 210 18.92 9.63 6.46
C TYR A 210 19.61 8.49 7.17
N GLN A 211 20.15 8.78 8.36
CA GLN A 211 20.68 7.75 9.24
C GLN A 211 19.61 6.72 9.54
N PRO A 212 19.94 5.42 9.43
CA PRO A 212 18.97 4.39 9.78
C PRO A 212 18.39 4.55 11.19
N GLY A 213 17.09 4.29 11.33
CA GLY A 213 16.44 4.33 12.64
C GLY A 213 16.26 5.70 13.24
N THR A 214 16.18 6.73 12.38
CA THR A 214 16.02 8.12 12.86
C THR A 214 14.85 8.89 12.28
N THR A 215 14.46 8.58 11.03
CA THR A 215 13.63 9.48 10.25
C THR A 215 12.62 8.73 9.38
N TRP A 216 11.36 9.15 9.40
CA TRP A 216 10.36 8.53 8.51
C TRP A 216 10.48 9.10 7.10
N ASP A 217 10.72 8.21 6.13
CA ASP A 217 10.81 8.59 4.74
C ASP A 217 10.40 7.41 3.87
N TYR A 218 9.43 7.65 3.01
CA TYR A 218 8.81 6.60 2.20
C TYR A 218 9.75 6.20 1.07
N GLY A 219 9.81 4.92 0.77
CA GLY A 219 10.78 4.43 -0.20
C GLY A 219 10.72 2.95 -0.49
N HIS A 220 11.82 2.45 -1.05
CA HIS A 220 11.93 1.07 -1.51
C HIS A 220 12.16 0.04 -0.40
N SER A 221 12.03 0.43 0.87
CA SER A 221 12.24 -0.51 1.98
C SER A 221 11.42 -1.79 1.85
N THR A 222 10.19 -1.68 1.35
CA THR A 222 9.32 -2.85 1.29
C THR A 222 9.76 -3.82 0.19
N ASP A 223 10.39 -3.29 -0.85
CA ASP A 223 10.96 -4.14 -1.90
C ASP A 223 12.14 -4.94 -1.34
N ILE A 224 12.91 -4.30 -0.47
CA ILE A 224 13.98 -4.98 0.27
C ILE A 224 13.38 -6.03 1.23
N LEU A 225 12.32 -5.65 1.95
CA LEU A 225 11.65 -6.58 2.85
C LEU A 225 11.16 -7.83 2.11
N GLY A 226 10.64 -7.64 0.91
CA GLY A 226 10.21 -8.76 0.07
C GLY A 226 11.35 -9.72 -0.22
N ARG A 227 12.54 -9.18 -0.48
CA ARG A 227 13.72 -10.03 -0.69
C ARG A 227 14.11 -10.78 0.58
N VAL A 228 14.01 -10.12 1.73
CA VAL A 228 14.27 -10.78 3.01
C VAL A 228 13.34 -11.99 3.18
N VAL A 229 12.07 -11.84 2.82
CA VAL A 229 11.11 -12.94 2.88
C VAL A 229 11.58 -14.11 2.00
N GLU A 230 12.15 -13.79 0.84
CA GLU A 230 12.67 -14.82 -0.07
C GLU A 230 13.89 -15.54 0.51
N VAL A 231 14.81 -14.78 1.10
CA VAL A 231 16.02 -15.34 1.70
C VAL A 231 15.64 -16.29 2.83
N VAL A 232 14.73 -15.86 3.68
CA VAL A 232 14.30 -16.67 4.83
C VAL A 232 13.55 -17.93 4.41
N SER A 233 12.59 -17.77 3.50
CA SER A 233 11.70 -18.88 3.11
C SER A 233 12.29 -19.81 2.05
N GLY A 234 13.23 -19.30 1.26
CA GLY A 234 13.77 -20.03 0.11
C GLY A 234 12.81 -20.10 -1.07
N LYS A 235 11.78 -19.25 -1.05
CA LYS A 235 10.78 -19.18 -2.10
C LYS A 235 10.71 -17.78 -2.67
N SER A 236 10.18 -17.66 -3.90
CA SER A 236 9.90 -16.35 -4.47
C SER A 236 8.83 -15.67 -3.62
N LEU A 237 8.81 -14.35 -3.63
CA LEU A 237 7.84 -13.60 -2.83
C LEU A 237 6.42 -14.04 -3.18
N TYR A 238 6.14 -14.16 -4.48
CA TYR A 238 4.81 -14.57 -4.90
C TYR A 238 4.47 -15.98 -4.41
N GLN A 239 5.38 -16.92 -4.59
CA GLN A 239 5.10 -18.30 -4.19
C GLN A 239 4.88 -18.42 -2.67
N PHE A 240 5.68 -17.70 -1.89
CA PHE A 240 5.47 -17.65 -0.44
C PHE A 240 4.07 -17.11 -0.11
N GLU A 241 3.75 -15.95 -0.67
CA GLU A 241 2.44 -15.32 -0.45
C GLU A 241 1.29 -16.21 -0.93
N LYS A 242 1.46 -16.81 -2.10
CA LYS A 242 0.44 -17.69 -2.68
C LYS A 242 0.07 -18.81 -1.69
N GLU A 243 1.08 -19.48 -1.16
CA GLU A 243 0.86 -20.63 -0.29
C GLU A 243 0.31 -20.22 1.08
N ARG A 244 0.88 -19.19 1.67
CA ARG A 244 0.59 -18.81 3.06
C ARG A 244 -0.63 -17.90 3.22
N LEU A 245 -0.96 -17.13 2.18
CA LEU A 245 -1.95 -16.06 2.31
C LEU A 245 -2.99 -16.07 1.19
N LEU A 246 -2.55 -15.93 -0.05
CA LEU A 246 -3.45 -15.64 -1.17
C LEU A 246 -4.39 -16.80 -1.49
N ASP A 247 -3.84 -18.01 -1.62
CA ASP A 247 -4.68 -19.19 -1.86
C ASP A 247 -5.66 -19.47 -0.72
N PRO A 248 -5.16 -19.61 0.53
CA PRO A 248 -6.11 -19.93 1.62
C PRO A 248 -7.17 -18.85 1.86
N LEU A 249 -6.86 -17.59 1.60
CA LEU A 249 -7.81 -16.49 1.77
C LEU A 249 -8.81 -16.42 0.62
N GLY A 250 -8.52 -17.12 -0.48
CA GLY A 250 -9.36 -17.08 -1.67
C GLY A 250 -9.10 -15.87 -2.54
N MET A 251 -7.90 -15.32 -2.44
CA MET A 251 -7.49 -14.18 -3.26
C MET A 251 -6.91 -14.72 -4.56
N LYS A 252 -7.77 -15.28 -5.39
CA LYS A 252 -7.35 -16.02 -6.57
C LYS A 252 -6.96 -15.15 -7.75
N ASP A 253 -7.21 -13.85 -7.67
CA ASP A 253 -6.81 -12.90 -8.71
C ASP A 253 -5.78 -11.88 -8.22
N THR A 254 -5.00 -12.28 -7.22
CA THR A 254 -3.96 -11.42 -6.64
C THR A 254 -2.59 -12.02 -6.92
N GLY A 255 -1.69 -11.18 -7.41
CA GLY A 255 -0.34 -11.61 -7.73
C GLY A 255 0.46 -10.44 -8.23
N PHE A 256 1.41 -10.68 -9.13
CA PHE A 256 2.24 -9.62 -9.70
C PHE A 256 2.02 -9.42 -11.20
N TYR A 257 1.54 -10.46 -11.87
CA TYR A 257 1.26 -10.39 -13.31
C TYR A 257 -0.02 -11.14 -13.60
N VAL A 258 -0.76 -10.69 -14.60
CA VAL A 258 -1.99 -11.36 -15.03
C VAL A 258 -1.58 -12.31 -16.16
N THR A 259 -1.35 -13.57 -15.80
CA THR A 259 -0.84 -14.56 -16.75
C THR A 259 -1.95 -15.43 -17.33
N ASP A 260 -3.09 -15.50 -16.66
CA ASP A 260 -4.25 -16.21 -17.18
C ASP A 260 -4.81 -15.46 -18.40
N PRO A 261 -4.80 -16.08 -19.59
CA PRO A 261 -5.30 -15.40 -20.79
C PRO A 261 -6.74 -14.90 -20.68
N ALA A 262 -7.55 -15.61 -19.90
CA ALA A 262 -8.96 -15.24 -19.72
C ALA A 262 -9.16 -13.97 -18.89
N LYS A 263 -8.12 -13.53 -18.21
CA LYS A 263 -8.23 -12.39 -17.29
C LYS A 263 -7.47 -11.14 -17.73
N LYS A 264 -6.68 -11.25 -18.81
CA LYS A 264 -5.88 -10.13 -19.27
C LYS A 264 -6.72 -8.92 -19.72
N SER A 265 -7.92 -9.17 -20.25
CA SER A 265 -8.82 -8.10 -20.66
C SER A 265 -9.51 -7.38 -19.49
N LEU A 266 -9.34 -7.91 -18.28
CA LEU A 266 -9.99 -7.34 -17.08
C LEU A 266 -9.17 -6.25 -16.38
N VAL A 267 -8.00 -5.91 -16.93
CA VAL A 267 -7.12 -4.92 -16.28
C VAL A 267 -7.68 -3.50 -16.45
N ALA A 268 -7.84 -2.79 -15.33
CA ALA A 268 -8.34 -1.42 -15.35
C ALA A 268 -7.29 -0.45 -15.89
N GLU A 269 -7.73 0.49 -16.71
CA GLU A 269 -6.86 1.50 -17.32
C GLU A 269 -7.41 2.89 -17.07
N ALA A 270 -6.52 3.83 -16.74
CA ALA A 270 -6.90 5.21 -16.43
C ALA A 270 -7.25 6.00 -17.70
N MET A 271 -7.82 7.19 -17.52
CA MET A 271 -8.08 8.10 -18.64
C MET A 271 -6.75 8.39 -19.36
N PRO A 272 -6.81 8.60 -20.70
CA PRO A 272 -5.59 8.74 -21.50
C PRO A 272 -4.61 9.81 -21.01
N ASN A 273 -5.12 10.92 -20.49
CA ASN A 273 -4.28 12.00 -19.96
C ASN A 273 -3.73 11.79 -18.54
N ASP A 274 -3.99 10.62 -17.96
CA ASP A 274 -3.65 10.35 -16.56
C ASP A 274 -3.14 8.91 -16.35
N ARG A 275 -2.25 8.47 -17.25
CA ARG A 275 -1.73 7.10 -17.21
C ARG A 275 -0.27 7.00 -16.81
N LYS A 276 0.33 8.12 -16.39
CA LYS A 276 1.76 8.11 -16.07
C LYS A 276 2.02 8.14 -14.57
N ILE A 277 2.93 7.27 -14.14
CA ILE A 277 3.39 7.22 -12.75
C ILE A 277 4.91 7.15 -12.77
N GLY A 278 5.56 8.03 -12.00
CA GLY A 278 7.01 8.11 -11.98
C GLY A 278 7.58 8.55 -13.32
N GLY A 279 6.83 9.40 -14.03
CA GLY A 279 7.25 9.89 -15.35
C GLY A 279 7.09 8.90 -16.50
N SER A 280 6.67 7.68 -16.20
CA SER A 280 6.55 6.63 -17.20
C SER A 280 5.13 6.06 -17.22
N GLU A 281 4.76 5.49 -18.36
CA GLU A 281 3.48 4.81 -18.52
C GLU A 281 3.36 3.69 -17.48
N MET A 282 2.15 3.39 -17.02
CA MET A 282 1.94 2.27 -16.11
C MET A 282 2.43 0.99 -16.75
N PHE A 283 3.02 0.11 -15.96
CA PHE A 283 3.49 -1.18 -16.46
C PHE A 283 2.34 -2.03 -16.98
N ASP A 284 2.65 -2.91 -17.92
CA ASP A 284 1.66 -3.83 -18.45
C ASP A 284 1.75 -5.13 -17.65
N PRO A 285 0.78 -5.36 -16.73
CA PRO A 285 0.86 -6.56 -15.91
C PRO A 285 0.52 -7.85 -16.67
N ARG A 286 0.09 -7.71 -17.92
CA ARG A 286 -0.25 -8.87 -18.75
C ARG A 286 0.98 -9.59 -19.30
N VAL A 287 2.14 -8.92 -19.29
CA VAL A 287 3.38 -9.50 -19.76
C VAL A 287 4.26 -9.84 -18.54
N GLN A 288 4.43 -11.14 -18.29
CA GLN A 288 5.16 -11.59 -17.12
C GLN A 288 6.65 -11.24 -17.20
N LYS A 289 7.19 -10.74 -16.09
CA LYS A 289 8.61 -10.43 -15.96
C LYS A 289 9.14 -11.00 -14.64
N LYS A 290 10.45 -10.90 -14.44
CA LYS A 290 11.10 -11.53 -13.28
C LYS A 290 10.83 -10.80 -11.96
N TRP A 291 10.56 -9.50 -12.03
CA TRP A 291 10.49 -8.67 -10.81
C TRP A 291 9.16 -8.85 -10.07
N GLU A 292 9.24 -9.09 -8.76
CA GLU A 292 8.05 -9.19 -7.91
C GLU A 292 8.21 -8.24 -6.70
N PRO A 293 8.15 -6.92 -6.96
CA PRO A 293 8.47 -5.95 -5.90
C PRO A 293 7.34 -5.80 -4.87
N GLY A 294 7.64 -6.14 -3.62
CA GLY A 294 6.67 -6.09 -2.55
C GLY A 294 6.15 -4.71 -2.17
N GLY A 295 6.78 -3.67 -2.70
CA GLY A 295 6.34 -2.30 -2.47
C GLY A 295 5.41 -1.72 -3.52
N GLN A 296 5.33 -2.35 -4.71
CA GLN A 296 4.64 -1.71 -5.83
C GLN A 296 4.06 -2.62 -6.91
N GLY A 297 4.37 -3.93 -6.87
CA GLY A 297 4.21 -4.77 -8.05
C GLY A 297 2.88 -5.46 -8.23
N MET A 298 2.03 -5.46 -7.20
CA MET A 298 0.90 -6.37 -7.20
C MET A 298 -0.31 -5.92 -8.01
N VAL A 299 -1.08 -6.92 -8.44
CA VAL A 299 -2.40 -6.71 -9.01
C VAL A 299 -3.39 -7.45 -8.14
N SER A 300 -4.61 -6.95 -8.07
CA SER A 300 -5.65 -7.57 -7.24
C SER A 300 -7.03 -7.12 -7.71
N THR A 301 -8.06 -7.62 -7.03
CA THR A 301 -9.44 -7.20 -7.25
C THR A 301 -9.99 -6.66 -5.94
N ILE A 302 -11.12 -5.95 -6.02
CA ILE A 302 -11.73 -5.39 -4.83
C ILE A 302 -12.14 -6.49 -3.84
N GLY A 303 -12.70 -7.58 -4.34
CA GLY A 303 -13.11 -8.69 -3.50
C GLY A 303 -11.92 -9.37 -2.82
N ASP A 304 -10.84 -9.58 -3.57
CA ASP A 304 -9.64 -10.17 -2.99
C ASP A 304 -9.09 -9.29 -1.86
N TYR A 305 -8.96 -7.99 -2.13
CA TYR A 305 -8.34 -7.10 -1.14
C TYR A 305 -9.24 -6.94 0.09
N ALA A 306 -10.55 -6.96 -0.09
CA ALA A 306 -11.49 -6.90 1.01
C ALA A 306 -11.41 -8.15 1.92
N ARG A 307 -11.09 -9.30 1.35
CA ARG A 307 -10.85 -10.49 2.18
C ARG A 307 -9.62 -10.27 3.05
N PHE A 308 -8.57 -9.71 2.46
CA PHE A 308 -7.36 -9.36 3.21
C PHE A 308 -7.66 -8.35 4.34
N THR A 309 -8.36 -7.26 4.04
CA THR A 309 -8.64 -6.24 5.06
C THR A 309 -9.63 -6.73 6.12
N GLN A 310 -10.60 -7.57 5.75
CA GLN A 310 -11.50 -8.16 6.74
C GLN A 310 -10.72 -9.09 7.69
N MET A 311 -9.77 -9.84 7.13
CA MET A 311 -8.92 -10.71 7.94
C MET A 311 -8.16 -9.89 8.98
N VAL A 312 -7.62 -8.74 8.57
CA VAL A 312 -6.89 -7.86 9.49
C VAL A 312 -7.85 -7.27 10.54
N LEU A 313 -8.98 -6.75 10.10
CA LEU A 313 -10.01 -6.23 11.00
C LEU A 313 -10.41 -7.27 12.06
N ASN A 314 -10.51 -8.53 11.65
CA ASN A 314 -10.86 -9.64 12.54
C ASN A 314 -9.74 -10.08 13.50
N GLY A 315 -8.60 -9.40 13.48
CA GLY A 315 -7.48 -9.79 14.34
C GLY A 315 -6.70 -10.99 13.82
N GLY A 316 -6.71 -11.19 12.51
CA GLY A 316 -5.84 -12.16 11.86
C GLY A 316 -6.47 -13.46 11.41
N THR A 317 -7.79 -13.50 11.36
CA THR A 317 -8.52 -14.73 11.00
C THR A 317 -9.68 -14.43 10.05
N LEU A 318 -10.02 -15.40 9.22
CA LEU A 318 -11.19 -15.30 8.35
C LEU A 318 -11.66 -16.69 7.97
N ASP A 319 -12.97 -16.92 8.05
CA ASP A 319 -13.56 -18.19 7.64
C ASP A 319 -12.90 -19.39 8.35
N GLY A 320 -12.57 -19.21 9.62
CA GLY A 320 -12.02 -20.28 10.45
C GLY A 320 -10.54 -20.57 10.28
N LYS A 321 -9.86 -19.80 9.44
CA LYS A 321 -8.42 -19.97 9.23
C LYS A 321 -7.68 -18.79 9.84
N ARG A 322 -6.66 -19.07 10.65
CA ARG A 322 -5.86 -18.00 11.26
C ARG A 322 -4.54 -17.79 10.51
N TYR A 323 -4.25 -16.54 10.21
CA TYR A 323 -3.07 -16.14 9.46
C TYR A 323 -2.02 -15.50 10.36
N LEU A 324 -2.50 -14.65 11.26
CA LEU A 324 -1.65 -14.03 12.28
C LEU A 324 -2.44 -13.99 13.58
N SER A 325 -1.75 -13.91 14.71
CA SER A 325 -2.43 -13.81 15.99
C SER A 325 -3.00 -12.40 16.14
N PRO A 326 -4.04 -12.25 16.97
CA PRO A 326 -4.60 -10.91 17.20
C PRO A 326 -3.62 -9.96 17.91
N LYS A 327 -2.67 -10.52 18.65
CA LYS A 327 -1.63 -9.69 19.24
C LYS A 327 -0.70 -9.14 18.16
N THR A 328 -0.32 -9.98 17.21
CA THR A 328 0.50 -9.55 16.08
C THR A 328 -0.20 -8.46 15.27
N ILE A 329 -1.49 -8.65 14.99
CA ILE A 329 -2.25 -7.64 14.26
C ILE A 329 -2.29 -6.31 15.04
N ALA A 330 -2.55 -6.38 16.34
CA ALA A 330 -2.59 -5.17 17.18
C ALA A 330 -1.23 -4.47 17.15
N TYR A 331 -0.16 -5.26 17.19
CA TYR A 331 1.21 -4.74 17.14
C TYR A 331 1.52 -4.04 15.82
N MET A 332 1.09 -4.62 14.71
CA MET A 332 1.24 -4.01 13.39
C MET A 332 0.46 -2.71 13.26
N GLY A 333 -0.71 -2.66 13.91
CA GLY A 333 -1.59 -1.49 13.86
C GLY A 333 -1.33 -0.46 14.95
N SER A 334 -0.26 -0.64 15.72
CA SER A 334 0.18 0.34 16.71
C SER A 334 1.08 1.37 16.05
N ASN A 335 1.17 2.55 16.65
CA ASN A 335 2.12 3.55 16.16
C ASN A 335 3.54 3.12 16.51
N HIS A 336 4.38 2.96 15.50
CA HIS A 336 5.79 2.64 15.72
C HIS A 336 6.71 3.87 15.58
N ILE A 337 6.12 5.04 15.33
CA ILE A 337 6.90 6.29 15.25
C ILE A 337 6.33 7.44 16.13
N PRO A 338 5.84 7.12 17.34
CA PRO A 338 5.45 8.21 18.24
C PRO A 338 6.68 8.91 18.78
N GLN A 339 6.51 9.98 19.55
CA GLN A 339 7.68 10.69 20.08
C GLN A 339 8.62 9.76 20.86
N ALA A 340 8.06 8.82 21.62
CA ALA A 340 8.85 7.89 22.43
C ALA A 340 9.80 6.99 21.62
N SER A 341 9.56 6.85 20.32
CA SER A 341 10.43 6.06 19.46
C SER A 341 11.74 6.76 19.14
N GLY A 342 11.78 8.08 19.32
CA GLY A 342 12.93 8.89 18.92
C GLY A 342 12.93 9.26 17.44
N ILE A 343 11.99 8.72 16.68
CA ILE A 343 11.92 8.96 15.25
C ILE A 343 11.29 10.33 14.96
N VAL A 344 11.81 11.02 13.96
CA VAL A 344 11.26 12.30 13.51
C VAL A 344 10.77 12.21 12.07
N PRO A 345 9.83 13.09 11.70
CA PRO A 345 9.40 13.12 10.30
C PRO A 345 10.52 13.63 9.39
N GLY A 346 10.67 13.00 8.24
CA GLY A 346 11.58 13.51 7.21
C GLY A 346 10.95 14.67 6.47
N ALA A 347 11.57 15.05 5.36
CA ALA A 347 11.12 16.18 4.55
C ALA A 347 9.78 15.95 3.86
N TYR A 348 9.37 14.68 3.73
CA TYR A 348 8.15 14.30 3.03
C TYR A 348 7.33 13.33 3.87
N TYR A 349 6.81 13.84 4.99
CA TYR A 349 6.03 12.99 5.88
C TYR A 349 4.58 12.89 5.37
N LEU A 350 4.38 11.90 4.50
CA LEU A 350 3.14 11.74 3.74
C LEU A 350 1.87 11.66 4.60
N PRO A 351 1.91 10.95 5.74
CA PRO A 351 0.68 10.83 6.53
C PRO A 351 0.14 12.15 7.09
N GLY A 352 1.02 13.11 7.33
CA GLY A 352 0.62 14.42 7.83
C GLY A 352 0.30 14.45 9.31
N PRO A 353 -0.09 15.63 9.83
CA PRO A 353 -0.32 15.74 11.26
C PRO A 353 -1.48 14.88 11.72
N GLY A 354 -1.36 14.32 12.91
CA GLY A 354 -2.42 13.52 13.51
C GLY A 354 -2.45 12.08 13.03
N VAL A 355 -1.43 11.68 12.27
CA VAL A 355 -1.35 10.32 11.73
C VAL A 355 0.09 9.81 11.90
N GLY A 356 0.21 8.64 12.54
CA GLY A 356 1.48 7.95 12.71
C GLY A 356 1.60 6.81 11.71
N PHE A 357 2.49 5.87 12.01
CA PHE A 357 2.76 4.77 11.10
C PHE A 357 3.23 3.55 11.89
N GLY A 358 2.64 2.41 11.57
CA GLY A 358 2.96 1.15 12.21
C GLY A 358 3.77 0.27 11.30
N LEU A 359 3.44 -1.01 11.27
CA LEU A 359 4.12 -1.96 10.40
C LEU A 359 3.27 -2.14 9.14
N GLY A 360 3.44 -1.19 8.22
CA GLY A 360 2.77 -1.22 6.91
C GLY A 360 1.43 -0.50 6.83
N PHE A 361 1.03 0.20 7.90
CA PHE A 361 -0.21 0.98 7.91
C PHE A 361 0.02 2.38 8.45
N ALA A 362 -0.62 3.38 7.84
CA ALA A 362 -0.81 4.67 8.51
C ALA A 362 -1.78 4.45 9.65
N VAL A 363 -1.50 5.04 10.81
CA VAL A 363 -2.30 4.84 12.03
C VAL A 363 -2.76 6.20 12.54
N ARG A 364 -4.08 6.46 12.53
CA ARG A 364 -4.59 7.74 13.00
C ARG A 364 -4.35 7.87 14.51
N THR A 365 -3.74 8.98 14.93
CA THR A 365 -3.44 9.21 16.35
C THR A 365 -4.30 10.30 17.02
N GLU A 366 -4.90 11.18 16.23
CA GLU A 366 -5.76 12.27 16.74
C GLU A 366 -7.17 12.12 16.20
N ALA A 367 -8.15 12.49 17.02
CA ALA A 367 -9.56 12.43 16.61
C ALA A 367 -9.83 13.52 15.57
N GLY A 368 -9.33 14.72 15.84
CA GLY A 368 -9.37 15.83 14.90
C GLY A 368 -8.03 15.94 14.19
N VAL A 369 -7.63 17.18 13.92
CA VAL A 369 -6.31 17.52 13.35
C VAL A 369 -6.15 17.11 11.89
N THR A 370 -6.10 15.81 11.60
CA THR A 370 -6.01 15.38 10.21
C THR A 370 -7.30 15.84 9.51
N PRO A 371 -7.18 16.40 8.29
CA PRO A 371 -8.32 17.08 7.66
C PRO A 371 -9.29 16.14 6.93
N VAL A 372 -9.46 14.93 7.43
CA VAL A 372 -10.45 13.99 6.93
C VAL A 372 -11.07 13.26 8.11
N GLU A 373 -12.30 12.81 7.93
CA GLU A 373 -12.97 12.06 8.97
C GLU A 373 -12.31 10.69 9.17
N GLY A 374 -12.52 10.14 10.35
CA GLY A 374 -11.94 8.86 10.74
C GLY A 374 -11.99 8.65 12.24
N SER A 375 -11.30 7.61 12.69
CA SER A 375 -11.26 7.24 14.10
C SER A 375 -9.83 7.03 14.55
N VAL A 376 -9.54 7.44 15.78
CA VAL A 376 -8.24 7.14 16.38
C VAL A 376 -8.04 5.63 16.26
N GLY A 377 -6.86 5.25 15.78
CA GLY A 377 -6.52 3.85 15.58
C GLY A 377 -6.83 3.31 14.20
N ASP A 378 -7.46 4.09 13.33
CA ASP A 378 -7.78 3.56 11.99
C ASP A 378 -6.49 3.37 11.19
N LEU A 379 -6.53 2.37 10.31
CA LEU A 379 -5.39 1.89 9.55
C LEU A 379 -5.67 2.06 8.07
N SER A 380 -4.69 2.53 7.31
CA SER A 380 -4.91 2.81 5.90
C SER A 380 -3.63 2.91 5.09
N TRP A 381 -3.78 2.74 3.79
CA TRP A 381 -2.76 3.09 2.81
C TRP A 381 -3.43 3.09 1.44
N GLY A 382 -2.70 3.49 0.41
CA GLY A 382 -3.24 3.60 -0.94
C GLY A 382 -2.21 3.23 -1.98
N GLY A 383 -2.61 3.27 -3.25
CA GLY A 383 -1.71 3.01 -4.36
C GLY A 383 -1.79 4.09 -5.41
N ALA A 384 -0.66 4.35 -6.08
CA ALA A 384 -0.53 5.45 -7.03
C ALA A 384 -1.44 5.32 -8.25
N GLY A 385 -2.01 4.12 -8.47
CA GLY A 385 -2.94 3.85 -9.57
C GLY A 385 -4.41 4.00 -9.21
N GLY A 386 -4.70 4.54 -8.03
CA GLY A 386 -6.06 4.96 -7.67
C GLY A 386 -6.77 4.12 -6.63
N THR A 387 -6.12 3.06 -6.15
CA THR A 387 -6.72 2.15 -5.17
C THR A 387 -6.45 2.63 -3.73
N VAL A 388 -7.41 2.42 -2.84
CA VAL A 388 -7.26 2.79 -1.42
C VAL A 388 -8.06 1.83 -0.53
N PHE A 389 -7.66 1.74 0.73
CA PHE A 389 -8.44 1.03 1.72
C PHE A 389 -8.27 1.68 3.08
N TRP A 390 -9.21 1.40 3.97
CA TRP A 390 -8.95 1.62 5.38
C TRP A 390 -9.69 0.61 6.24
N ILE A 391 -9.20 0.47 7.46
CA ILE A 391 -9.71 -0.45 8.46
C ILE A 391 -9.88 0.38 9.74
N ASP A 392 -11.07 0.35 10.32
CA ASP A 392 -11.41 1.13 11.49
C ASP A 392 -11.92 0.19 12.58
N PRO A 393 -11.00 -0.29 13.44
CA PRO A 393 -11.39 -1.23 14.50
C PRO A 393 -12.48 -0.70 15.43
N LYS A 394 -12.38 0.57 15.82
CA LYS A 394 -13.38 1.19 16.70
C LYS A 394 -14.79 1.06 16.14
N GLU A 395 -14.92 1.23 14.82
CA GLU A 395 -16.23 1.21 14.18
C GLU A 395 -16.55 -0.10 13.45
N ASN A 396 -15.75 -1.14 13.70
CA ASN A 396 -15.93 -2.46 13.08
C ASN A 396 -16.08 -2.36 11.57
N LEU A 397 -15.25 -1.52 10.95
CA LEU A 397 -15.44 -1.07 9.58
C LEU A 397 -14.22 -1.32 8.71
N THR A 398 -14.45 -1.82 7.49
CA THR A 398 -13.42 -1.75 6.46
C THR A 398 -14.01 -1.30 5.13
N VAL A 399 -13.22 -0.51 4.41
CA VAL A 399 -13.61 0.03 3.12
C VAL A 399 -12.47 -0.20 2.12
N VAL A 400 -12.83 -0.65 0.92
CA VAL A 400 -11.89 -0.75 -0.19
C VAL A 400 -12.52 -0.02 -1.37
N PHE A 401 -11.69 0.75 -2.07
CA PHE A 401 -12.14 1.50 -3.23
C PHE A 401 -11.08 1.37 -4.33
N MET A 402 -11.54 1.11 -5.55
CA MET A 402 -10.64 1.00 -6.69
C MET A 402 -11.22 1.68 -7.93
N ALA A 403 -10.43 2.61 -8.45
CA ALA A 403 -10.70 3.26 -9.73
C ALA A 403 -9.35 3.62 -10.33
N PRO A 404 -9.17 3.37 -11.64
CA PRO A 404 -7.87 3.63 -12.25
C PRO A 404 -7.66 5.13 -12.50
N MET A 405 -6.70 5.71 -11.79
CA MET A 405 -6.42 7.13 -11.87
C MET A 405 -5.12 7.43 -11.13
N VAL A 406 -4.52 8.58 -11.39
CA VAL A 406 -3.28 8.97 -10.70
C VAL A 406 -3.42 10.35 -10.08
N SER A 407 -3.48 11.39 -10.92
CA SER A 407 -3.43 12.78 -10.45
C SER A 407 -4.50 13.16 -9.40
N PRO A 408 -5.77 12.76 -9.61
CA PRO A 408 -6.81 13.14 -8.65
C PRO A 408 -7.04 12.16 -7.49
N ARG A 409 -6.17 11.16 -7.33
CA ARG A 409 -6.47 10.06 -6.41
C ARG A 409 -6.67 10.51 -4.97
N ALA A 410 -5.80 11.38 -4.48
CA ALA A 410 -5.82 11.78 -3.07
C ALA A 410 -7.13 12.49 -2.70
N ARG A 411 -7.58 13.41 -3.55
CA ARG A 411 -8.79 14.16 -3.24
C ARG A 411 -10.02 13.25 -3.27
N VAL A 412 -10.02 12.26 -4.17
CA VAL A 412 -11.12 11.29 -4.22
C VAL A 412 -11.13 10.44 -2.95
N TRP A 413 -9.97 9.92 -2.57
CA TRP A 413 -9.86 9.08 -1.37
C TRP A 413 -10.31 9.82 -0.10
N ARG A 414 -9.86 11.06 0.05
CA ARG A 414 -10.24 11.86 1.21
C ARG A 414 -11.73 12.15 1.22
N THR A 415 -12.27 12.51 0.07
CA THR A 415 -13.70 12.78 -0.05
C THR A 415 -14.51 11.54 0.31
N LEU A 416 -14.09 10.38 -0.15
CA LEU A 416 -14.79 9.13 0.17
C LEU A 416 -14.81 8.84 1.67
N ARG A 417 -13.71 9.09 2.38
CA ARG A 417 -13.71 9.01 3.83
C ARG A 417 -14.80 9.87 4.44
N ASN A 418 -14.85 11.14 4.02
CA ASN A 418 -15.83 12.07 4.54
C ASN A 418 -17.27 11.59 4.26
N ILE A 419 -17.51 11.08 3.06
CA ILE A 419 -18.85 10.59 2.72
C ILE A 419 -19.24 9.35 3.52
N VAL A 420 -18.31 8.40 3.63
CA VAL A 420 -18.59 7.18 4.39
C VAL A 420 -18.91 7.50 5.84
N TYR A 421 -18.04 8.25 6.49
CA TYR A 421 -18.27 8.60 7.89
C TYR A 421 -19.48 9.52 8.04
N GLY A 422 -19.72 10.37 7.06
CA GLY A 422 -20.90 11.23 7.04
C GLY A 422 -22.21 10.48 6.85
N ALA A 423 -22.14 9.22 6.43
CA ALA A 423 -23.31 8.37 6.22
C ALA A 423 -23.68 7.50 7.43
N PHE A 424 -22.91 7.59 8.50
CA PHE A 424 -23.19 6.84 9.74
C PHE A 424 -24.54 7.26 10.33
N ASP A 425 -25.29 6.28 10.82
CA ASP A 425 -26.46 6.58 11.65
C ASP A 425 -26.18 6.34 13.13
N ARG A 426 -25.10 5.63 13.42
CA ARG A 426 -24.72 5.36 14.81
C ARG A 426 -23.25 5.00 14.94
N LEU A 427 -22.75 5.12 16.17
CA LEU A 427 -21.37 4.79 16.51
C LEU A 427 -21.34 3.43 17.21
N GLU A 428 -20.24 2.69 17.04
CA GLU A 428 -20.09 1.38 17.67
C GLU A 428 -19.33 1.48 18.99
#